data_6AOM
#
_entry.id   6AOM
#
_cell.length_a   65.454
_cell.length_b   84.233
_cell.length_c   94.966
_cell.angle_alpha   90.00
_cell.angle_beta   90.00
_cell.angle_gamma   90.00
#
_symmetry.space_group_name_H-M   'P 21 21 21'
#
loop_
_entity.id
_entity.type
_entity.pdbx_description
1 polymer Endoplasmin
2 non-polymer 3,6,9,12,15,18-HEXAOXAICOSANE-1,20-DIOL
3 non-polymer 'methyl 2-[2-(2-benzylphenyl)ethyl]-3-chloro-4,6-dihydroxybenzoate'
4 non-polymer GLYCEROL
5 non-polymer DI(HYDROXYETHYL)ETHER
6 water water
#
_entity_poly.entity_id   1
_entity_poly.type   'polypeptide(L)'
_entity_poly.pdbx_seq_one_letter_code
;SLREKSEKFAFQAEVNRMMKLIINSLYKNKEIFLRELISNASDALDKIRLISLTDENALAGNEELTVKIKCDKEKNLLHV
TDTGVGMTREELVKNLGTIAKSGTSEFLNKMTEAQEDGQSTSELIGQFGVGFYSAFLVADKVIVTSKHNNDTQHIWESDS
NEFSVIADPRGNTLGRGTTITLVLKEEASDYLELDTIKNLVKKYSQFINFPIYVWSSKTGGGGKTVWDWELMN
;
_entity_poly.pdbx_strand_id   A,B
#
loop_
_chem_comp.id
_chem_comp.type
_chem_comp.name
_chem_comp.formula
GOL non-polymer GLYCEROL 'C3 H8 O3'
P33 non-polymer 3,6,9,12,15,18-HEXAOXAICOSANE-1,20-DIOL 'C14 H30 O8'
PEG non-polymer DI(HYDROXYETHYL)ETHER 'C4 H10 O3'
VC5 non-polymer 'methyl 2-[2-(2-benzylphenyl)ethyl]-3-chloro-4,6-dihydroxybenzoate' 'C23 H21 Cl O4'
#
# COMPACT_ATOMS: atom_id res chain seq x y z
N GLU A 7 37.46 -13.57 4.40
CA GLU A 7 36.05 -13.90 4.45
C GLU A 7 35.20 -12.75 3.95
N LYS A 8 35.79 -11.55 3.88
CA LYS A 8 35.09 -10.34 3.48
C LYS A 8 35.46 -9.92 2.05
N PHE A 9 34.45 -9.43 1.31
CA PHE A 9 34.60 -9.12 -0.09
C PHE A 9 33.97 -7.77 -0.41
N ALA A 10 34.40 -7.20 -1.54
CA ALA A 10 33.84 -5.98 -2.11
C ALA A 10 32.92 -6.32 -3.28
N PHE A 11 31.77 -5.64 -3.36
CA PHE A 11 30.95 -5.73 -4.57
C PHE A 11 31.72 -5.17 -5.75
N GLN A 12 31.37 -5.63 -6.94
CA GLN A 12 32.00 -5.04 -8.11
C GLN A 12 31.28 -3.76 -8.55
N ALA A 13 31.96 -2.96 -9.36
CA ALA A 13 31.47 -1.61 -9.64
C ALA A 13 30.05 -1.60 -10.17
N GLU A 14 29.74 -2.48 -11.12
CA GLU A 14 28.42 -2.42 -11.74
C GLU A 14 27.31 -2.78 -10.75
N VAL A 15 27.60 -3.66 -9.79
CA VAL A 15 26.60 -3.98 -8.79
C VAL A 15 26.35 -2.78 -7.89
N ASN A 16 27.41 -2.06 -7.49
CA ASN A 16 27.20 -0.80 -6.77
C ASN A 16 26.31 0.15 -7.59
N ARG A 17 26.65 0.34 -8.87
CA ARG A 17 25.87 1.22 -9.74
C ARG A 17 24.41 0.78 -9.81
N MET A 18 24.18 -0.51 -10.03
CA MET A 18 22.81 -0.98 -10.14
C MET A 18 22.06 -0.88 -8.81
N MET A 19 22.72 -1.20 -7.69
CA MET A 19 22.06 -1.01 -6.40
C MET A 19 21.59 0.43 -6.25
N LYS A 20 22.46 1.40 -6.56
CA LYS A 20 22.03 2.79 -6.49
C LYS A 20 20.90 3.06 -7.46
N LEU A 21 21.03 2.60 -8.70
CA LEU A 21 19.97 2.78 -9.68
C LEU A 21 18.66 2.23 -9.18
N ILE A 22 18.70 1.02 -8.59
CA ILE A 22 17.47 0.43 -8.07
C ILE A 22 16.87 1.30 -6.97
N ILE A 23 17.66 1.66 -5.95
CA ILE A 23 17.12 2.43 -4.84
C ILE A 23 16.51 3.76 -5.27
N ASN A 24 17.05 4.42 -6.30
CA ASN A 24 16.48 5.72 -6.66
C ASN A 24 15.36 5.62 -7.67
N SER A 25 15.16 4.46 -8.28
CA SER A 25 14.02 4.28 -9.17
C SER A 25 12.78 3.81 -8.44
N LEU A 26 12.91 2.84 -7.53
CA LEU A 26 11.75 2.20 -6.92
C LEU A 26 11.52 2.59 -5.46
N TYR A 27 12.05 3.74 -5.02
CA TYR A 27 11.80 4.23 -3.67
C TYR A 27 10.31 4.43 -3.37
N LYS A 28 9.48 4.49 -4.42
CA LYS A 28 8.03 4.71 -4.32
C LYS A 28 7.27 3.39 -4.32
N ASN A 29 7.69 2.44 -5.14
CA ASN A 29 7.11 1.10 -5.22
C ASN A 29 7.98 0.10 -4.43
N LYS A 30 8.04 0.30 -3.11
CA LYS A 30 8.94 -0.52 -2.28
C LYS A 30 8.49 -1.97 -2.17
N GLU A 31 7.18 -2.24 -2.30
CA GLU A 31 6.66 -3.59 -2.15
C GLU A 31 7.22 -4.56 -3.19
N ILE A 32 7.83 -4.07 -4.27
CA ILE A 32 8.31 -4.95 -5.32
C ILE A 32 9.39 -5.88 -4.77
N PHE A 33 10.07 -5.47 -3.70
CA PHE A 33 11.11 -6.32 -3.14
C PHE A 33 10.55 -7.68 -2.80
N LEU A 34 9.33 -7.71 -2.30
CA LEU A 34 8.79 -9.00 -1.95
C LEU A 34 8.31 -9.74 -3.20
N ARG A 35 7.94 -9.04 -4.27
CA ARG A 35 7.66 -9.73 -5.53
C ARG A 35 8.93 -10.43 -6.02
N GLU A 36 10.08 -9.78 -5.84
CA GLU A 36 11.29 -10.32 -6.42
C GLU A 36 11.90 -11.41 -5.58
N LEU A 37 11.59 -11.47 -4.28
CA LEU A 37 12.11 -12.56 -3.47
C LEU A 37 11.32 -13.81 -3.70
N ILE A 38 10.00 -13.67 -3.84
CA ILE A 38 9.19 -14.81 -4.19
C ILE A 38 9.53 -15.31 -5.58
N SER A 39 9.68 -14.39 -6.54
CA SER A 39 10.06 -14.82 -7.88
C SER A 39 11.40 -15.55 -7.87
N ASN A 40 12.39 -15.02 -7.14
CA ASN A 40 13.69 -15.69 -7.10
C ASN A 40 13.63 -17.02 -6.38
N ALA A 41 12.77 -17.15 -5.37
CA ALA A 41 12.59 -18.45 -4.75
C ALA A 41 11.99 -19.47 -5.72
N SER A 42 10.99 -19.06 -6.52
CA SER A 42 10.41 -19.97 -7.51
C SER A 42 11.46 -20.42 -8.52
N ASP A 43 12.31 -19.51 -8.99
CA ASP A 43 13.33 -19.92 -9.93
C ASP A 43 14.23 -21.00 -9.32
N ALA A 44 14.58 -20.83 -8.05
CA ALA A 44 15.46 -21.79 -7.39
C ALA A 44 14.78 -23.14 -7.24
N LEU A 45 13.50 -23.15 -6.87
CA LEU A 45 12.78 -24.41 -6.82
C LEU A 45 12.69 -25.05 -8.19
N ASP A 46 12.35 -24.25 -9.21
CA ASP A 46 12.36 -24.73 -10.59
C ASP A 46 13.65 -25.42 -10.91
N LYS A 47 14.76 -24.80 -10.50
CA LYS A 47 16.07 -25.30 -10.89
C LYS A 47 16.36 -26.62 -10.21
N ILE A 48 15.80 -26.85 -9.02
CA ILE A 48 16.06 -28.15 -8.42
C ILE A 48 15.08 -29.19 -8.94
N ARG A 49 13.85 -28.79 -9.29
CA ARG A 49 12.91 -29.71 -9.91
C ARG A 49 13.47 -30.28 -11.19
N LEU A 50 14.21 -29.46 -11.96
CA LEU A 50 14.76 -30.00 -13.19
C LEU A 50 16.00 -30.83 -12.96
N ILE A 51 16.86 -30.41 -12.04
CA ILE A 51 17.96 -31.27 -11.66
C ILE A 51 17.44 -32.63 -11.23
N SER A 52 16.29 -32.66 -10.54
CA SER A 52 15.78 -33.91 -10.03
C SER A 52 15.26 -34.81 -11.14
N LEU A 53 15.02 -34.27 -12.34
CA LEU A 53 14.62 -35.12 -13.46
C LEU A 53 15.73 -36.11 -13.79
N THR A 54 16.99 -35.67 -13.78
CA THR A 54 18.12 -36.50 -14.17
C THR A 54 18.99 -36.90 -12.97
N ASP A 55 18.38 -37.02 -11.79
CA ASP A 55 19.09 -37.27 -10.56
C ASP A 55 18.11 -37.57 -9.42
N GLU A 56 18.07 -38.81 -8.95
CA GLU A 56 17.15 -39.13 -7.87
C GLU A 56 17.71 -38.77 -6.49
N ASN A 57 19.00 -38.42 -6.40
CA ASN A 57 19.53 -37.89 -5.16
C ASN A 57 19.21 -36.42 -4.96
N ALA A 58 18.67 -35.74 -5.96
CA ALA A 58 18.54 -34.29 -5.88
C ALA A 58 17.72 -33.87 -4.69
N LEU A 59 16.63 -34.57 -4.40
CA LEU A 59 15.74 -34.16 -3.32
C LEU A 59 16.10 -34.80 -1.96
N ALA A 60 17.19 -35.57 -1.89
CA ALA A 60 17.58 -36.24 -0.64
C ALA A 60 17.63 -35.27 0.53
N GLY A 61 18.27 -34.11 0.33
CA GLY A 61 18.51 -33.20 1.44
C GLY A 61 17.25 -32.70 2.12
N ASN A 62 16.12 -32.73 1.42
CA ASN A 62 14.84 -32.23 1.91
C ASN A 62 13.79 -32.50 0.84
N GLU A 63 12.76 -33.30 1.16
CA GLU A 63 11.89 -33.84 0.14
C GLU A 63 10.87 -32.86 -0.41
N GLU A 64 10.66 -31.70 0.22
CA GLU A 64 9.61 -30.82 -0.26
C GLU A 64 10.16 -29.66 -1.10
N LEU A 65 9.23 -29.02 -1.84
CA LEU A 65 9.51 -27.90 -2.72
C LEU A 65 8.59 -26.75 -2.33
N THR A 66 8.96 -25.98 -1.31
CA THR A 66 8.05 -24.98 -0.73
C THR A 66 8.73 -23.62 -0.61
N VAL A 67 7.92 -22.65 -0.17
CA VAL A 67 8.36 -21.32 0.27
C VAL A 67 7.64 -20.98 1.56
N LYS A 68 8.40 -20.80 2.64
CA LYS A 68 7.87 -20.48 3.95
C LYS A 68 8.36 -19.09 4.33
N ILE A 69 7.44 -18.17 4.62
CA ILE A 69 7.74 -16.78 4.97
C ILE A 69 7.40 -16.49 6.43
N LYS A 70 8.28 -15.76 7.13
CA LYS A 70 8.17 -15.61 8.57
C LYS A 70 8.36 -14.15 9.00
N CYS A 71 7.41 -13.63 9.76
CA CYS A 71 7.55 -12.33 10.42
C CYS A 71 8.06 -12.53 11.83
N ASP A 72 9.18 -11.90 12.15
CA ASP A 72 9.66 -11.86 13.53
C ASP A 72 9.80 -10.39 13.91
N LYS A 73 8.79 -9.86 14.59
CA LYS A 73 8.75 -8.42 14.76
C LYS A 73 9.48 -7.97 16.03
N GLU A 74 9.76 -8.87 16.96
CA GLU A 74 10.62 -8.48 18.07
C GLU A 74 12.05 -8.26 17.60
N LYS A 75 12.55 -9.12 16.72
CA LYS A 75 13.91 -9.01 16.21
C LYS A 75 14.01 -8.19 14.93
N ASN A 76 12.91 -7.63 14.41
CA ASN A 76 12.93 -6.69 13.28
C ASN A 76 13.37 -7.38 11.99
N LEU A 77 12.86 -8.59 11.77
CA LEU A 77 13.37 -9.47 10.74
C LEU A 77 12.23 -10.00 9.86
N LEU A 78 12.56 -10.28 8.62
CA LEU A 78 11.65 -10.95 7.69
C LEU A 78 12.43 -12.04 6.95
N HIS A 79 11.90 -13.26 6.97
CA HIS A 79 12.59 -14.42 6.40
C HIS A 79 11.80 -14.97 5.23
N VAL A 80 12.48 -15.21 4.11
CA VAL A 80 11.90 -15.91 2.96
C VAL A 80 12.76 -17.12 2.68
N THR A 81 12.28 -18.29 3.09
CA THR A 81 13.02 -19.55 2.99
C THR A 81 12.40 -20.37 1.86
N ASP A 82 13.23 -20.82 0.94
CA ASP A 82 12.81 -21.80 -0.04
C ASP A 82 13.67 -23.05 0.10
N THR A 83 13.19 -24.15 -0.49
CA THR A 83 13.89 -25.43 -0.54
C THR A 83 14.33 -25.76 -1.95
N GLY A 84 14.72 -24.74 -2.70
CA GLY A 84 15.21 -24.91 -4.04
C GLY A 84 16.64 -25.41 -4.04
N VAL A 85 17.33 -25.17 -5.16
CA VAL A 85 18.63 -25.74 -5.47
C VAL A 85 19.75 -25.25 -4.56
N GLY A 86 19.56 -24.15 -3.85
CA GLY A 86 20.58 -23.67 -2.94
C GLY A 86 21.82 -23.15 -3.66
N MET A 87 22.81 -22.74 -2.86
CA MET A 87 24.02 -22.13 -3.41
C MET A 87 25.24 -22.61 -2.65
N THR A 88 26.22 -23.13 -3.39
CA THR A 88 27.51 -23.42 -2.76
C THR A 88 28.17 -22.13 -2.34
N ARG A 89 29.17 -22.26 -1.48
CA ARG A 89 29.92 -21.08 -1.06
C ARG A 89 30.39 -20.23 -2.25
N GLU A 90 30.90 -20.83 -3.34
CA GLU A 90 31.34 -19.97 -4.43
C GLU A 90 30.15 -19.41 -5.20
N GLU A 91 29.00 -20.08 -5.12
CA GLU A 91 27.88 -19.44 -5.80
C GLU A 91 27.43 -18.21 -5.03
N LEU A 92 27.50 -18.24 -3.71
CA LEU A 92 27.27 -17.03 -2.90
C LEU A 92 28.20 -15.89 -3.32
N VAL A 93 29.50 -16.17 -3.51
CA VAL A 93 30.43 -15.10 -3.84
C VAL A 93 30.16 -14.55 -5.24
N LYS A 94 30.20 -15.40 -6.29
CA LYS A 94 29.92 -14.73 -7.58
C LYS A 94 28.43 -14.52 -7.88
N ASN A 95 27.50 -15.44 -7.61
CA ASN A 95 26.14 -15.08 -8.02
C ASN A 95 25.66 -13.80 -7.35
N LEU A 96 26.08 -13.51 -6.11
CA LEU A 96 25.52 -12.37 -5.38
C LEU A 96 26.40 -11.13 -5.35
N GLY A 97 27.70 -11.23 -5.60
CA GLY A 97 28.57 -10.06 -5.64
C GLY A 97 28.97 -9.61 -7.04
N THR A 98 28.38 -10.19 -8.08
CA THR A 98 28.80 -10.02 -9.48
C THR A 98 27.55 -10.04 -10.34
N ILE A 99 27.68 -9.51 -11.55
CA ILE A 99 26.68 -9.75 -12.59
C ILE A 99 27.40 -10.32 -13.80
N ALA A 100 28.02 -9.45 -14.59
CA ALA A 100 28.66 -9.82 -15.84
C ALA A 100 27.68 -10.50 -16.79
N LYS A 101 27.27 -11.74 -16.48
CA LYS A 101 26.42 -12.55 -17.35
C LYS A 101 25.16 -11.80 -17.78
N THR A 104 25.71 -7.41 -18.39
CA THR A 104 24.91 -6.22 -18.20
C THR A 104 25.21 -5.16 -19.26
N SER A 105 26.36 -4.49 -19.11
CA SER A 105 26.80 -3.44 -20.03
C SER A 105 25.68 -2.41 -20.19
N GLU A 106 24.93 -2.54 -21.29
CA GLU A 106 23.91 -1.54 -21.64
C GLU A 106 22.77 -1.47 -20.63
N PHE A 107 22.55 -2.52 -19.83
CA PHE A 107 21.46 -2.47 -18.84
C PHE A 107 21.60 -1.25 -17.94
N LEU A 108 22.83 -0.88 -17.58
CA LEU A 108 23.04 0.30 -16.75
C LEU A 108 22.66 1.56 -17.49
N ASN A 109 22.72 1.54 -18.81
CA ASN A 109 22.27 2.68 -19.59
C ASN A 109 20.83 2.52 -20.05
N LYS A 110 20.35 1.27 -20.21
CA LYS A 110 18.97 1.06 -20.61
C LYS A 110 18.02 1.12 -19.43
N MET A 111 18.55 1.09 -18.20
CA MET A 111 17.72 1.34 -17.03
C MET A 111 17.70 2.81 -16.67
N THR A 112 18.79 3.54 -16.94
CA THR A 112 18.78 4.99 -16.78
C THR A 112 17.94 5.64 -17.87
N GLU A 113 18.02 5.13 -19.10
CA GLU A 113 17.17 5.60 -20.19
C GLU A 113 15.72 5.12 -20.02
N SER A 120 8.82 2.84 -16.87
CA SER A 120 8.76 1.95 -15.71
C SER A 120 9.89 0.92 -15.74
N THR A 121 10.81 1.06 -14.78
CA THR A 121 11.89 0.09 -14.64
C THR A 121 11.54 -0.95 -13.58
N SER A 122 10.37 -0.82 -12.96
CA SER A 122 9.84 -1.89 -12.12
C SER A 122 9.59 -3.15 -12.94
N GLU A 123 9.11 -2.99 -14.16
CA GLU A 123 8.96 -4.13 -15.06
C GLU A 123 10.31 -4.79 -15.32
N LEU A 124 11.32 -4.00 -15.70
CA LEU A 124 12.55 -4.44 -16.35
C LEU A 124 13.61 -4.97 -15.38
N ILE A 125 13.46 -4.76 -14.08
CA ILE A 125 14.41 -5.30 -13.11
C ILE A 125 14.38 -6.82 -13.10
N GLY A 126 13.19 -7.42 -13.10
CA GLY A 126 13.08 -8.86 -13.10
C GLY A 126 13.58 -9.54 -14.37
N GLN A 127 13.60 -8.85 -15.51
CA GLN A 127 14.05 -9.50 -16.73
C GLN A 127 15.51 -9.84 -16.69
N PHE A 128 16.33 -9.04 -16.00
CA PHE A 128 17.73 -9.38 -15.92
C PHE A 128 18.05 -10.21 -14.67
N GLY A 129 17.02 -10.68 -13.95
CA GLY A 129 17.22 -11.47 -12.76
C GLY A 129 17.85 -10.74 -11.58
N VAL A 130 17.97 -9.41 -11.66
CA VAL A 130 18.75 -8.63 -10.71
C VAL A 130 17.86 -8.12 -9.60
N GLY A 131 16.67 -8.69 -9.46
CA GLY A 131 15.74 -8.20 -8.46
C GLY A 131 16.16 -8.44 -7.02
N PHE A 132 17.23 -9.23 -6.77
CA PHE A 132 17.66 -9.49 -5.39
C PHE A 132 18.03 -8.21 -4.69
N TYR A 133 18.77 -7.32 -5.37
CA TYR A 133 19.22 -6.10 -4.73
C TYR A 133 18.07 -5.16 -4.35
N SER A 134 16.86 -5.38 -4.86
CA SER A 134 15.73 -4.55 -4.47
C SER A 134 15.43 -4.73 -2.99
N ALA A 135 16.15 -5.65 -2.34
CA ALA A 135 15.95 -5.89 -0.91
C ALA A 135 16.49 -4.74 -0.07
N PHE A 136 17.56 -4.09 -0.53
CA PHE A 136 18.10 -2.95 0.18
C PHE A 136 17.18 -1.74 0.18
N LEU A 137 16.14 -1.73 -0.65
CA LEU A 137 15.07 -0.73 -0.54
C LEU A 137 14.43 -0.73 0.84
N VAL A 138 14.35 -1.88 1.50
CA VAL A 138 13.64 -2.00 2.75
C VAL A 138 14.53 -2.51 3.88
N ALA A 139 15.74 -2.94 3.57
CA ALA A 139 16.59 -3.64 4.50
C ALA A 139 17.89 -2.88 4.73
N ASP A 140 18.32 -2.85 5.99
CA ASP A 140 19.66 -2.36 6.30
C ASP A 140 20.71 -3.45 6.21
N LYS A 141 20.32 -4.69 6.47
CA LYS A 141 21.16 -5.88 6.26
C LYS A 141 20.37 -6.91 5.47
N VAL A 142 21.05 -7.64 4.59
CA VAL A 142 20.51 -8.84 3.99
C VAL A 142 21.41 -10.01 4.34
N ILE A 143 20.82 -11.05 4.90
CA ILE A 143 21.52 -12.28 5.23
C ILE A 143 20.96 -13.36 4.33
N VAL A 144 21.83 -14.06 3.63
CA VAL A 144 21.43 -15.16 2.75
C VAL A 144 22.02 -16.43 3.34
N THR A 145 21.18 -17.26 3.92
CA THR A 145 21.60 -18.56 4.40
C THR A 145 21.22 -19.60 3.36
N SER A 146 22.19 -20.35 2.87
CA SER A 146 21.93 -21.25 1.77
C SER A 146 22.65 -22.57 2.03
N LYS A 147 21.96 -23.67 1.69
CA LYS A 147 22.49 -25.02 1.77
C LYS A 147 22.33 -25.72 0.41
N HIS A 148 23.44 -26.05 -0.21
CA HIS A 148 23.49 -26.70 -1.52
C HIS A 148 24.01 -28.14 -1.40
N ASN A 149 23.43 -29.05 -2.21
CA ASN A 149 23.78 -30.46 -2.06
C ASN A 149 25.26 -30.74 -2.20
N ASN A 150 25.97 -29.95 -3.00
CA ASN A 150 27.39 -30.15 -3.21
C ASN A 150 28.27 -29.33 -2.29
N ASP A 151 27.76 -28.86 -1.14
CA ASP A 151 28.60 -28.06 -0.27
C ASP A 151 27.95 -27.93 1.11
N THR A 152 28.68 -27.32 2.03
CA THR A 152 28.14 -27.13 3.37
C THR A 152 27.30 -25.85 3.42
N GLN A 153 26.42 -25.77 4.42
CA GLN A 153 25.65 -24.55 4.62
C GLN A 153 26.56 -23.35 4.86
N HIS A 154 26.29 -22.24 4.17
CA HIS A 154 27.05 -21.01 4.35
C HIS A 154 26.11 -19.84 4.54
N ILE A 155 26.68 -18.72 4.99
CA ILE A 155 25.94 -17.49 5.26
C ILE A 155 26.60 -16.36 4.50
N TRP A 156 25.79 -15.55 3.84
CA TRP A 156 26.22 -14.36 3.12
C TRP A 156 25.58 -13.15 3.81
N GLU A 157 26.38 -12.12 4.02
CA GLU A 157 25.94 -11.00 4.82
C GLU A 157 26.41 -9.70 4.18
N SER A 158 25.53 -8.69 4.11
CA SER A 158 25.89 -7.42 3.51
C SER A 158 24.98 -6.29 4.01
N ASP A 159 25.58 -5.09 4.19
CA ASP A 159 24.83 -3.84 4.28
C ASP A 159 24.97 -2.98 3.02
N SER A 160 25.42 -3.57 1.91
CA SER A 160 25.68 -2.98 0.59
C SER A 160 27.07 -2.37 0.49
N ASN A 161 27.76 -2.14 1.59
CA ASN A 161 29.08 -1.55 1.52
C ASN A 161 30.18 -2.58 1.39
N GLU A 162 29.82 -3.86 1.46
CA GLU A 162 30.73 -4.97 1.31
C GLU A 162 29.89 -6.20 1.59
N PHE A 163 30.48 -7.37 1.53
CA PHE A 163 29.80 -8.55 2.04
C PHE A 163 30.83 -9.55 2.52
N SER A 164 30.36 -10.54 3.27
CA SER A 164 31.19 -11.66 3.67
C SER A 164 30.40 -12.95 3.56
N VAL A 165 31.12 -14.03 3.23
CA VAL A 165 30.60 -15.39 3.32
C VAL A 165 31.46 -16.16 4.32
N ILE A 166 30.78 -16.92 5.19
CA ILE A 166 31.40 -17.69 6.27
C ILE A 166 30.66 -19.01 6.39
N ALA A 167 31.38 -20.04 6.81
CA ALA A 167 30.71 -21.29 7.14
C ALA A 167 29.67 -21.05 8.22
N ASP A 168 28.55 -21.69 8.09
CA ASP A 168 27.49 -21.56 9.08
C ASP A 168 27.84 -22.40 10.30
N PRO A 169 28.11 -21.80 11.45
CA PRO A 169 28.44 -22.61 12.64
C PRO A 169 27.29 -23.44 13.17
N ARG A 170 26.05 -23.20 12.75
CA ARG A 170 24.95 -24.03 13.21
C ARG A 170 24.78 -25.30 12.40
N GLY A 171 25.68 -25.58 11.47
CA GLY A 171 25.58 -26.76 10.63
C GLY A 171 24.51 -26.66 9.54
N ASN A 172 24.09 -27.82 9.07
CA ASN A 172 23.15 -27.86 7.97
C ASN A 172 21.75 -27.90 8.56
N THR A 173 21.16 -26.70 8.70
CA THR A 173 19.78 -26.56 9.16
C THR A 173 18.78 -26.58 8.02
N LEU A 174 19.19 -26.23 6.80
CA LEU A 174 18.24 -26.06 5.71
C LEU A 174 17.85 -27.37 5.02
N GLY A 175 18.70 -28.39 5.08
CA GLY A 175 18.51 -29.56 4.23
C GLY A 175 19.02 -29.26 2.85
N ARG A 176 18.42 -28.25 2.23
CA ARG A 176 18.81 -27.72 0.93
C ARG A 176 18.01 -26.47 0.71
N GLY A 177 18.65 -25.41 0.21
CA GLY A 177 17.81 -24.27 -0.08
C GLY A 177 18.39 -22.96 0.40
N THR A 178 17.52 -21.96 0.56
CA THR A 178 18.00 -20.61 0.83
C THR A 178 16.99 -19.88 1.68
N THR A 179 17.49 -19.18 2.71
CA THR A 179 16.73 -18.17 3.43
C THR A 179 17.29 -16.80 3.10
N ILE A 180 16.41 -15.88 2.74
CA ILE A 180 16.76 -14.47 2.70
C ILE A 180 16.25 -13.87 4.00
N THR A 181 17.15 -13.24 4.76
CA THR A 181 16.78 -12.57 5.99
C THR A 181 16.99 -11.08 5.81
N LEU A 182 15.98 -10.28 6.13
CA LEU A 182 16.07 -8.84 5.96
C LEU A 182 16.00 -8.16 7.32
N VAL A 183 17.06 -7.46 7.70
CA VAL A 183 17.01 -6.57 8.86
C VAL A 183 16.35 -5.28 8.39
N LEU A 184 15.06 -5.14 8.69
CA LEU A 184 14.29 -4.07 8.08
C LEU A 184 14.70 -2.69 8.61
N LYS A 185 14.65 -1.71 7.74
CA LYS A 185 14.78 -0.31 8.11
C LYS A 185 13.61 0.07 9.00
N GLU A 186 13.54 1.34 9.42
CA GLU A 186 12.42 1.81 10.20
C GLU A 186 11.24 2.20 9.32
N GLU A 187 11.51 2.74 8.12
CA GLU A 187 10.48 2.99 7.11
C GLU A 187 9.80 1.72 6.64
N ALA A 188 10.37 0.55 6.91
CA ALA A 188 9.83 -0.71 6.44
C ALA A 188 9.23 -1.51 7.58
N SER A 189 9.06 -0.90 8.74
CA SER A 189 8.46 -1.60 9.88
C SER A 189 7.06 -2.08 9.54
N ASP A 190 6.45 -1.49 8.51
CA ASP A 190 5.10 -1.85 8.11
C ASP A 190 5.04 -3.33 7.74
N TYR A 191 6.12 -3.84 7.14
CA TYR A 191 6.22 -5.21 6.66
C TYR A 191 6.42 -6.24 7.77
N LEU A 192 6.18 -5.88 9.03
CA LEU A 192 6.23 -6.86 10.11
C LEU A 192 4.85 -7.32 10.57
N GLU A 193 3.77 -6.65 10.12
CA GLU A 193 2.42 -7.02 10.47
C GLU A 193 1.89 -8.05 9.47
N LEU A 194 1.43 -9.20 10.00
CA LEU A 194 0.96 -10.28 9.13
C LEU A 194 -0.08 -9.79 8.13
N ASP A 195 -0.98 -8.91 8.54
CA ASP A 195 -2.01 -8.45 7.60
C ASP A 195 -1.39 -7.90 6.32
N THR A 196 -0.37 -7.04 6.47
CA THR A 196 0.29 -6.49 5.29
C THR A 196 1.01 -7.58 4.52
N ILE A 197 1.80 -8.39 5.22
CA ILE A 197 2.63 -9.41 4.57
C ILE A 197 1.77 -10.39 3.79
N LYS A 198 0.74 -10.96 4.43
CA LYS A 198 -0.10 -11.90 3.70
C LYS A 198 -0.86 -11.24 2.56
N ASN A 199 -1.15 -9.95 2.65
CA ASN A 199 -1.77 -9.33 1.48
C ASN A 199 -0.76 -9.22 0.34
N LEU A 200 0.47 -8.81 0.63
CA LEU A 200 1.47 -8.70 -0.42
C LEU A 200 1.92 -10.06 -0.96
N VAL A 201 1.85 -11.12 -0.14
CA VAL A 201 2.26 -12.43 -0.64
C VAL A 201 1.17 -13.01 -1.54
N LYS A 202 -0.08 -12.94 -1.08
CA LYS A 202 -1.22 -13.32 -1.90
C LYS A 202 -1.18 -12.63 -3.26
N LYS A 203 -0.81 -11.34 -3.26
CA LYS A 203 -0.79 -10.56 -4.49
C LYS A 203 0.23 -11.11 -5.49
N TYR A 204 1.41 -11.51 -4.99
CA TYR A 204 2.55 -11.80 -5.86
C TYR A 204 2.83 -13.29 -6.01
N SER A 205 1.98 -14.17 -5.49
CA SER A 205 2.24 -15.61 -5.49
C SER A 205 1.37 -16.40 -6.45
N GLN A 206 0.51 -15.74 -7.23
CA GLN A 206 -0.54 -16.46 -7.93
C GLN A 206 -0.01 -17.27 -9.12
N PHE A 207 0.96 -16.73 -9.86
CA PHE A 207 1.51 -17.50 -10.98
C PHE A 207 2.72 -18.33 -10.55
N ILE A 208 2.83 -18.65 -9.26
CA ILE A 208 3.93 -19.43 -8.71
C ILE A 208 3.44 -20.85 -8.55
N ASN A 209 4.24 -21.81 -9.02
CA ASN A 209 3.85 -23.21 -9.07
C ASN A 209 4.22 -23.97 -7.83
N PHE A 210 4.48 -23.28 -6.73
CA PHE A 210 4.84 -23.96 -5.51
C PHE A 210 3.98 -23.41 -4.38
N PRO A 211 3.69 -24.20 -3.35
CA PRO A 211 2.92 -23.69 -2.21
C PRO A 211 3.74 -22.65 -1.43
N ILE A 212 3.11 -21.52 -1.12
CA ILE A 212 3.77 -20.44 -0.40
C ILE A 212 3.00 -20.20 0.89
N TYR A 213 3.69 -20.35 2.02
CA TYR A 213 3.10 -20.24 3.35
C TYR A 213 3.67 -19.04 4.10
N VAL A 214 2.85 -18.51 5.01
CA VAL A 214 3.28 -17.53 5.99
C VAL A 214 3.03 -18.11 7.37
N TRP A 215 3.97 -17.91 8.30
CA TRP A 215 3.76 -18.28 9.69
C TRP A 215 2.81 -17.27 10.32
N SER A 216 1.55 -17.68 10.54
CA SER A 216 0.46 -16.76 10.87
C SER A 216 -0.19 -17.14 12.19
N SER A 217 -1.08 -16.27 12.65
CA SER A 217 -1.82 -16.45 13.90
C SER A 217 -3.31 -16.65 13.62
N LYS A 218 -3.90 -17.62 14.30
CA LYS A 218 -5.32 -17.92 14.24
C LYS A 218 -5.85 -18.01 15.67
N THR A 219 -7.16 -17.75 15.81
CA THR A 219 -7.78 -17.73 17.14
C THR A 219 -8.50 -19.04 17.45
N THR A 225 -5.31 -19.02 20.36
CA THR A 225 -4.27 -18.52 19.46
C THR A 225 -3.10 -19.48 19.35
N VAL A 226 -2.85 -19.96 18.14
CA VAL A 226 -1.67 -20.78 17.86
C VAL A 226 -1.08 -20.34 16.52
N TRP A 227 0.16 -20.75 16.28
CA TRP A 227 0.92 -20.39 15.09
C TRP A 227 1.14 -21.63 14.23
N ASP A 228 1.14 -21.42 12.91
CA ASP A 228 1.28 -22.51 11.94
C ASP A 228 1.50 -21.91 10.55
N TRP A 229 1.87 -22.78 9.60
CA TRP A 229 1.98 -22.36 8.21
C TRP A 229 0.59 -22.24 7.61
N GLU A 230 0.28 -21.07 7.04
CA GLU A 230 -0.99 -20.79 6.38
C GLU A 230 -0.76 -20.63 4.88
N LEU A 231 -1.43 -21.46 4.08
CA LEU A 231 -1.19 -21.48 2.65
C LEU A 231 -1.85 -20.30 1.95
N MET A 232 -1.14 -19.73 0.97
CA MET A 232 -1.56 -18.51 0.29
C MET A 232 -1.80 -18.65 -1.21
N ASN A 233 -1.63 -19.84 -1.78
CA ASN A 233 -1.85 -19.97 -3.22
C ASN A 233 -2.22 -21.41 -3.62
N GLU B 7 6.61 14.66 6.50
CA GLU B 7 5.19 14.33 6.64
C GLU B 7 4.29 15.54 6.32
N LYS B 8 4.87 16.74 6.19
CA LYS B 8 4.15 17.97 5.89
C LYS B 8 4.37 18.36 4.43
N PHE B 9 3.32 18.83 3.76
CA PHE B 9 3.40 19.13 2.33
C PHE B 9 2.74 20.47 2.01
N ALA B 10 3.19 21.05 0.90
CA ALA B 10 2.64 22.26 0.33
C ALA B 10 1.69 21.91 -0.80
N PHE B 11 0.53 22.55 -0.83
CA PHE B 11 -0.34 22.42 -1.99
C PHE B 11 0.38 22.92 -3.23
N GLN B 12 -0.06 22.45 -4.38
CA GLN B 12 0.51 23.01 -5.58
C GLN B 12 -0.19 24.33 -5.92
N ALA B 13 0.50 25.18 -6.67
CA ALA B 13 0.01 26.53 -6.89
C ALA B 13 -1.41 26.51 -7.47
N GLU B 14 -1.67 25.65 -8.45
CA GLU B 14 -2.98 25.67 -9.10
C GLU B 14 -4.09 25.30 -8.13
N VAL B 15 -3.81 24.44 -7.16
CA VAL B 15 -4.82 24.10 -6.16
C VAL B 15 -5.09 25.30 -5.24
N ASN B 16 -4.04 26.00 -4.80
CA ASN B 16 -4.26 27.22 -4.04
C ASN B 16 -5.12 28.18 -4.85
N ARG B 17 -4.74 28.42 -6.12
CA ARG B 17 -5.54 29.27 -6.99
C ARG B 17 -6.97 28.77 -7.05
N MET B 18 -7.14 27.48 -7.23
CA MET B 18 -8.49 26.96 -7.39
C MET B 18 -9.28 27.02 -6.09
N MET B 19 -8.66 26.71 -4.95
CA MET B 19 -9.37 26.84 -3.67
C MET B 19 -9.90 28.26 -3.54
N LYS B 20 -9.05 29.24 -3.84
CA LYS B 20 -9.49 30.61 -3.78
C LYS B 20 -10.64 30.87 -4.75
N LEU B 21 -10.50 30.40 -6.00
CA LEU B 21 -11.58 30.58 -6.96
C LEU B 21 -12.89 30.01 -6.45
N ILE B 22 -12.85 28.79 -5.92
CA ILE B 22 -14.05 28.18 -5.38
C ILE B 22 -14.63 29.04 -4.28
N ILE B 23 -13.81 29.40 -3.30
CA ILE B 23 -14.29 30.07 -2.11
C ILE B 23 -15.01 31.37 -2.43
N ASN B 24 -14.57 32.09 -3.47
CA ASN B 24 -15.24 33.35 -3.79
C ASN B 24 -16.37 33.22 -4.80
N SER B 25 -16.53 32.08 -5.47
CA SER B 25 -17.70 31.92 -6.31
C SER B 25 -18.90 31.45 -5.52
N LEU B 26 -18.71 30.49 -4.62
CA LEU B 26 -19.81 29.86 -3.91
C LEU B 26 -19.93 30.34 -2.46
N TYR B 27 -19.47 31.56 -2.17
CA TYR B 27 -19.72 32.08 -0.82
C TYR B 27 -21.22 32.17 -0.52
N LYS B 28 -22.07 32.14 -1.54
CA LYS B 28 -23.52 32.23 -1.43
C LYS B 28 -24.23 30.89 -1.46
N ASN B 29 -23.85 29.97 -2.35
CA ASN B 29 -24.46 28.65 -2.43
C ASN B 29 -23.56 27.64 -1.68
N LYS B 30 -23.48 27.84 -0.36
CA LYS B 30 -22.59 27.05 0.48
C LYS B 30 -23.05 25.61 0.67
N GLU B 31 -24.36 25.35 0.57
CA GLU B 31 -24.88 24.00 0.81
C GLU B 31 -24.32 22.96 -0.14
N ILE B 32 -23.76 23.38 -1.28
CA ILE B 32 -23.32 22.42 -2.29
C ILE B 32 -22.14 21.58 -1.85
N PHE B 33 -21.35 22.02 -0.86
CA PHE B 33 -20.22 21.23 -0.38
C PHE B 33 -20.65 19.83 -0.01
N LEU B 34 -21.88 19.71 0.49
CA LEU B 34 -22.41 18.41 0.82
C LEU B 34 -22.88 17.66 -0.42
N ARG B 35 -23.33 18.39 -1.45
CA ARG B 35 -23.66 17.73 -2.71
C ARG B 35 -22.44 17.07 -3.30
N GLU B 36 -21.33 17.79 -3.33
CA GLU B 36 -20.14 17.26 -3.98
C GLU B 36 -19.35 16.30 -3.10
N LEU B 37 -19.59 16.30 -1.77
CA LEU B 37 -19.00 15.26 -0.95
C LEU B 37 -19.76 13.96 -1.10
N ILE B 38 -21.08 14.05 -1.20
CA ILE B 38 -21.89 12.88 -1.48
C ILE B 38 -21.61 12.38 -2.89
N SER B 39 -21.51 13.30 -3.85
CA SER B 39 -21.15 12.93 -5.21
C SER B 39 -19.78 12.24 -5.27
N ASN B 40 -18.81 12.77 -4.53
CA ASN B 40 -17.49 12.12 -4.54
C ASN B 40 -17.54 10.77 -3.81
N ALA B 41 -18.38 10.63 -2.79
CA ALA B 41 -18.56 9.33 -2.17
C ALA B 41 -19.12 8.30 -3.14
N SER B 42 -20.13 8.69 -3.93
CA SER B 42 -20.70 7.77 -4.90
C SER B 42 -19.66 7.28 -5.87
N ASP B 43 -18.80 8.19 -6.37
CA ASP B 43 -17.79 7.79 -7.34
C ASP B 43 -16.84 6.78 -6.75
N ALA B 44 -16.43 7.00 -5.50
CA ALA B 44 -15.50 6.08 -4.85
C ALA B 44 -16.14 4.71 -4.67
N LEU B 45 -17.43 4.67 -4.35
CA LEU B 45 -18.14 3.40 -4.32
C LEU B 45 -18.20 2.77 -5.70
N ASP B 46 -18.52 3.59 -6.72
CA ASP B 46 -18.49 3.14 -8.12
C ASP B 46 -17.16 2.49 -8.46
N LYS B 47 -16.05 3.17 -8.10
CA LYS B 47 -14.72 2.65 -8.35
C LYS B 47 -14.49 1.31 -7.66
N ILE B 48 -15.10 1.07 -6.50
CA ILE B 48 -14.81 -0.23 -5.88
C ILE B 48 -15.75 -1.28 -6.44
N ARG B 49 -16.97 -0.89 -6.82
CA ARG B 49 -17.90 -1.82 -7.44
C ARG B 49 -17.31 -2.42 -8.72
N LEU B 50 -16.59 -1.64 -9.53
CA LEU B 50 -16.09 -2.27 -10.74
C LEU B 50 -14.84 -3.09 -10.48
N ILE B 51 -13.98 -2.66 -9.56
CA ILE B 51 -12.87 -3.52 -9.14
C ILE B 51 -13.44 -4.84 -8.67
N SER B 52 -14.60 -4.84 -8.01
CA SER B 52 -15.14 -6.08 -7.49
C SER B 52 -15.64 -6.99 -8.60
N LEU B 53 -15.86 -6.45 -9.81
CA LEU B 53 -16.24 -7.31 -10.92
C LEU B 53 -15.12 -8.30 -11.27
N THR B 54 -13.87 -7.84 -11.32
CA THR B 54 -12.73 -8.67 -11.72
C THR B 54 -11.84 -9.05 -10.54
N ASP B 55 -12.44 -9.18 -9.34
CA ASP B 55 -11.70 -9.47 -8.11
C ASP B 55 -12.69 -9.72 -6.98
N GLU B 56 -12.87 -10.96 -6.53
CA GLU B 56 -13.86 -11.18 -5.47
C GLU B 56 -13.24 -11.02 -4.08
N ASN B 57 -11.95 -10.70 -4.01
CA ASN B 57 -11.37 -10.23 -2.76
C ASN B 57 -11.52 -8.73 -2.57
N ALA B 58 -12.09 -8.03 -3.55
CA ALA B 58 -12.14 -6.57 -3.49
C ALA B 58 -12.89 -6.09 -2.26
N LEU B 59 -14.00 -6.73 -1.92
CA LEU B 59 -14.83 -6.28 -0.82
C LEU B 59 -14.47 -6.94 0.51
N ALA B 60 -13.42 -7.76 0.55
CA ALA B 60 -13.05 -8.46 1.78
C ALA B 60 -12.92 -7.49 2.94
N GLY B 61 -12.21 -6.38 2.72
CA GLY B 61 -11.89 -5.45 3.80
C GLY B 61 -13.11 -4.87 4.49
N ASN B 62 -14.28 -4.93 3.84
CA ASN B 62 -15.54 -4.38 4.34
C ASN B 62 -16.66 -4.70 3.34
N GLU B 63 -17.64 -5.48 3.77
CA GLU B 63 -18.60 -6.05 2.84
C GLU B 63 -19.69 -5.07 2.37
N GLU B 64 -19.82 -3.89 2.95
CA GLU B 64 -20.93 -3.04 2.51
C GLU B 64 -20.47 -1.92 1.57
N LEU B 65 -21.45 -1.37 0.85
CA LEU B 65 -21.27 -0.27 -0.12
C LEU B 65 -22.24 0.83 0.27
N THR B 66 -21.86 1.63 1.26
CA THR B 66 -22.76 2.60 1.86
C THR B 66 -22.08 3.97 1.95
N VAL B 67 -22.88 4.95 2.38
CA VAL B 67 -22.43 6.29 2.76
C VAL B 67 -23.12 6.59 4.08
N LYS B 68 -22.35 6.77 5.14
CA LYS B 68 -22.88 7.00 6.49
C LYS B 68 -22.48 8.40 6.94
N ILE B 69 -23.47 9.23 7.31
CA ILE B 69 -23.20 10.60 7.74
C ILE B 69 -23.47 10.77 9.23
N LYS B 70 -22.60 11.50 9.92
CA LYS B 70 -22.65 11.63 11.38
C LYS B 70 -22.49 13.09 11.77
N CYS B 71 -23.43 13.60 12.53
CA CYS B 71 -23.24 14.89 13.17
C CYS B 71 -22.70 14.65 14.57
N ASP B 72 -21.54 15.22 14.86
CA ASP B 72 -21.05 15.20 16.23
C ASP B 72 -21.03 16.65 16.61
N LYS B 73 -22.05 17.03 17.36
CA LYS B 73 -22.34 18.42 17.53
C LYS B 73 -21.62 19.03 18.73
N GLU B 74 -21.27 18.22 19.77
CA GLU B 74 -20.30 18.66 20.78
C GLU B 74 -18.99 19.09 20.15
N LYS B 75 -18.39 18.20 19.38
CA LYS B 75 -17.06 18.46 18.88
C LYS B 75 -17.05 19.30 17.63
N ASN B 76 -18.23 19.70 17.14
CA ASN B 76 -18.32 20.65 16.02
C ASN B 76 -17.81 20.02 14.73
N LEU B 77 -18.20 18.77 14.52
CA LEU B 77 -17.63 17.94 13.48
C LEU B 77 -18.74 17.37 12.61
N LEU B 78 -18.41 17.14 11.35
CA LEU B 78 -19.32 16.44 10.46
C LEU B 78 -18.50 15.44 9.69
N HIS B 79 -18.98 14.20 9.65
CA HIS B 79 -18.28 13.09 9.05
C HIS B 79 -19.08 12.55 7.89
N VAL B 80 -18.43 12.36 6.75
CA VAL B 80 -19.05 11.67 5.63
C VAL B 80 -18.15 10.48 5.31
N THR B 81 -18.59 9.31 5.73
CA THR B 81 -17.85 8.07 5.51
C THR B 81 -18.52 7.30 4.40
N ASP B 82 -17.74 6.93 3.40
CA ASP B 82 -18.16 5.97 2.41
C ASP B 82 -17.24 4.77 2.51
N THR B 83 -17.70 3.66 1.97
CA THR B 83 -16.91 2.45 1.97
C THR B 83 -16.47 2.12 0.55
N GLY B 84 -16.08 3.14 -0.21
CA GLY B 84 -15.58 2.96 -1.55
C GLY B 84 -14.14 2.48 -1.53
N VAL B 85 -13.47 2.67 -2.66
CA VAL B 85 -12.15 2.08 -2.93
C VAL B 85 -11.06 2.62 -2.00
N GLY B 86 -11.29 3.73 -1.32
CA GLY B 86 -10.27 4.26 -0.44
C GLY B 86 -9.11 4.82 -1.24
N MET B 87 -8.09 5.25 -0.50
CA MET B 87 -6.89 5.86 -1.05
C MET B 87 -5.65 5.44 -0.28
N THR B 88 -4.66 4.94 -0.98
CA THR B 88 -3.38 4.73 -0.34
C THR B 88 -2.72 6.04 0.05
N ARG B 89 -1.68 5.90 0.89
CA ARG B 89 -0.89 7.05 1.32
C ARG B 89 -0.47 7.92 0.16
N GLU B 90 -0.01 7.31 -0.93
CA GLU B 90 0.51 8.11 -2.04
C GLU B 90 -0.61 8.76 -2.81
N GLU B 91 -1.81 8.18 -2.76
CA GLU B 91 -2.93 8.82 -3.44
C GLU B 91 -3.49 9.99 -2.64
N LEU B 92 -3.52 9.88 -1.30
CA LEU B 92 -3.93 11.03 -0.50
C LEU B 92 -3.09 12.25 -0.87
N VAL B 93 -1.77 12.07 -1.02
CA VAL B 93 -0.91 13.19 -1.37
C VAL B 93 -1.20 13.69 -2.79
N LYS B 94 -1.29 12.77 -3.75
CA LYS B 94 -1.46 13.17 -5.15
C LYS B 94 -2.90 13.63 -5.43
N ASN B 95 -3.88 12.80 -5.11
CA ASN B 95 -5.26 13.14 -5.47
C ASN B 95 -5.73 14.42 -4.81
N LEU B 96 -5.28 14.70 -3.59
CA LEU B 96 -5.81 15.80 -2.81
C LEU B 96 -4.92 17.05 -2.79
N GLY B 97 -3.63 16.93 -3.04
CA GLY B 97 -2.73 18.08 -3.09
C GLY B 97 -2.29 18.51 -4.47
N THR B 98 -2.89 17.96 -5.53
CA THR B 98 -2.46 18.08 -6.92
C THR B 98 -3.70 18.04 -7.80
N ILE B 99 -3.55 18.47 -9.05
CA ILE B 99 -4.54 18.17 -10.08
C ILE B 99 -3.91 17.48 -11.31
N THR B 104 -5.54 19.99 -16.87
CA THR B 104 -6.51 20.87 -16.23
C THR B 104 -6.47 22.19 -16.96
N SER B 105 -5.44 22.99 -16.65
CA SER B 105 -5.16 24.24 -17.35
C SER B 105 -6.39 25.15 -17.42
N GLU B 106 -7.13 25.00 -18.53
CA GLU B 106 -8.21 25.91 -18.90
C GLU B 106 -9.30 26.03 -17.85
N PHE B 107 -9.45 25.02 -16.99
CA PHE B 107 -10.46 25.12 -15.93
C PHE B 107 -10.26 26.35 -15.06
N LEU B 108 -9.02 26.68 -14.73
CA LEU B 108 -8.78 27.81 -13.84
C LEU B 108 -9.11 29.13 -14.54
N ASN B 109 -9.07 29.15 -15.86
CA ASN B 109 -9.49 30.32 -16.62
C ASN B 109 -10.94 30.25 -17.03
N LYS B 110 -11.51 29.05 -17.19
CA LYS B 110 -12.91 28.96 -17.58
C LYS B 110 -13.84 29.12 -16.38
N MET B 111 -13.32 29.04 -15.16
CA MET B 111 -14.19 29.27 -14.02
C MET B 111 -14.22 30.74 -13.61
N THR B 112 -13.12 31.48 -13.82
CA THR B 112 -13.17 32.93 -13.61
C THR B 112 -13.93 33.63 -14.73
N GLU B 113 -13.71 33.20 -15.98
CA GLU B 113 -14.44 33.76 -17.11
C GLU B 113 -15.89 33.26 -17.11
N SER B 120 -23.11 30.72 -13.32
CA SER B 120 -23.23 29.63 -12.36
C SER B 120 -22.07 28.63 -12.53
N THR B 121 -21.19 28.59 -11.54
CA THR B 121 -20.10 27.63 -11.50
C THR B 121 -20.37 26.44 -10.60
N SER B 122 -21.55 26.36 -9.97
CA SER B 122 -21.91 25.16 -9.22
C SER B 122 -21.92 23.95 -10.13
N GLU B 123 -22.44 24.11 -11.35
CA GLU B 123 -22.39 23.02 -12.33
C GLU B 123 -20.96 22.60 -12.62
N LEU B 124 -20.10 23.58 -12.94
CA LEU B 124 -18.81 23.28 -13.56
C LEU B 124 -17.75 22.86 -12.56
N ILE B 125 -17.94 23.12 -11.28
CA ILE B 125 -17.02 22.60 -10.28
C ILE B 125 -17.12 21.08 -10.22
N GLY B 126 -18.35 20.56 -10.18
CA GLY B 126 -18.54 19.12 -10.19
C GLY B 126 -18.10 18.49 -11.50
N GLN B 127 -18.14 19.26 -12.60
CA GLN B 127 -17.75 18.68 -13.88
C GLN B 127 -16.28 18.33 -13.89
N PHE B 128 -15.46 19.04 -13.14
CA PHE B 128 -14.07 18.65 -13.04
C PHE B 128 -13.84 17.69 -11.89
N GLY B 129 -14.92 17.18 -11.28
CA GLY B 129 -14.85 16.22 -10.19
C GLY B 129 -14.14 16.81 -8.98
N VAL B 130 -13.90 18.13 -9.05
CA VAL B 130 -12.96 18.82 -8.18
C VAL B 130 -13.68 19.54 -7.02
N GLY B 131 -14.93 19.20 -6.75
CA GLY B 131 -15.68 19.87 -5.70
C GLY B 131 -15.19 19.61 -4.28
N PHE B 132 -14.20 18.72 -4.08
CA PHE B 132 -13.76 18.40 -2.73
C PHE B 132 -13.33 19.66 -1.98
N TYR B 133 -12.60 20.54 -2.65
CA TYR B 133 -12.06 21.74 -2.03
C TYR B 133 -13.15 22.73 -1.61
N SER B 134 -14.37 22.55 -2.08
CA SER B 134 -15.47 23.39 -1.59
C SER B 134 -15.76 23.17 -0.12
N ALA B 135 -15.11 22.18 0.52
CA ALA B 135 -15.35 21.89 1.92
C ALA B 135 -14.81 23.01 2.82
N PHE B 136 -13.76 23.69 2.36
CA PHE B 136 -13.23 24.86 3.05
C PHE B 136 -14.20 26.04 3.04
N LEU B 137 -15.24 26.02 2.19
CA LEU B 137 -16.34 26.98 2.35
C LEU B 137 -16.98 26.92 3.74
N VAL B 138 -17.00 25.75 4.37
CA VAL B 138 -17.72 25.58 5.64
C VAL B 138 -16.82 25.11 6.75
N ALA B 139 -15.60 24.68 6.46
CA ALA B 139 -14.73 24.01 7.43
C ALA B 139 -13.43 24.79 7.57
N ASP B 140 -12.93 24.86 8.81
CA ASP B 140 -11.61 25.44 9.05
C ASP B 140 -10.49 24.44 8.86
N LYS B 141 -10.75 23.17 9.18
CA LYS B 141 -9.86 22.07 8.88
C LYS B 141 -10.68 20.99 8.21
N VAL B 142 -10.08 20.31 7.24
CA VAL B 142 -10.64 19.13 6.60
C VAL B 142 -9.70 17.97 6.84
N ILE B 143 -10.24 16.88 7.39
CA ILE B 143 -9.47 15.67 7.69
C ILE B 143 -9.99 14.55 6.81
N VAL B 144 -9.08 13.87 6.13
CA VAL B 144 -9.44 12.75 5.25
C VAL B 144 -8.80 11.51 5.83
N THR B 145 -9.61 10.65 6.39
CA THR B 145 -9.18 9.33 6.85
C THR B 145 -9.62 8.32 5.81
N SER B 146 -8.66 7.53 5.32
CA SER B 146 -8.89 6.66 4.18
C SER B 146 -8.16 5.33 4.37
N LYS B 147 -8.82 4.22 4.00
CA LYS B 147 -8.22 2.90 4.02
C LYS B 147 -8.39 2.23 2.66
N HIS B 148 -7.27 1.97 1.99
CA HIS B 148 -7.24 1.31 0.69
C HIS B 148 -6.68 -0.11 0.82
N ASN B 149 -7.24 -1.04 0.04
CA ASN B 149 -6.90 -2.46 0.21
C ASN B 149 -5.41 -2.72 0.07
N ASN B 150 -4.74 -1.93 -0.75
CA ASN B 150 -3.30 -2.03 -0.94
C ASN B 150 -2.48 -1.19 0.03
N ASP B 151 -3.02 -0.78 1.18
CA ASP B 151 -2.17 0.01 2.09
C ASP B 151 -2.85 0.06 3.47
N THR B 152 -2.15 0.67 4.41
CA THR B 152 -2.65 0.84 5.76
C THR B 152 -3.50 2.09 5.83
N GLN B 153 -4.34 2.17 6.86
CA GLN B 153 -5.09 3.41 7.08
C GLN B 153 -4.11 4.58 7.28
N HIS B 154 -4.43 5.74 6.66
CA HIS B 154 -3.66 6.97 6.79
C HIS B 154 -4.61 8.13 7.00
N ILE B 155 -4.08 9.27 7.45
CA ILE B 155 -4.89 10.47 7.72
C ILE B 155 -4.27 11.66 7.03
N TRP B 156 -5.12 12.45 6.36
CA TRP B 156 -4.73 13.67 5.68
C TRP B 156 -5.39 14.84 6.39
N GLU B 157 -4.62 15.90 6.59
CA GLU B 157 -5.10 17.01 7.38
C GLU B 157 -4.72 18.33 6.73
N SER B 158 -5.67 19.27 6.68
CA SER B 158 -5.35 20.58 6.14
C SER B 158 -6.28 21.67 6.66
N ASP B 159 -5.69 22.84 6.93
CA ASP B 159 -6.44 24.08 7.11
C ASP B 159 -6.34 24.98 5.89
N SER B 160 -5.91 24.42 4.76
CA SER B 160 -5.71 24.98 3.42
C SER B 160 -4.35 25.66 3.27
N ASN B 161 -3.63 25.93 4.36
CA ASN B 161 -2.34 26.61 4.25
C ASN B 161 -1.19 25.65 4.09
N GLU B 162 -1.49 24.36 4.15
CA GLU B 162 -0.57 23.26 3.91
C GLU B 162 -1.35 22.00 4.20
N PHE B 163 -0.73 20.84 4.05
CA PHE B 163 -1.38 19.65 4.55
C PHE B 163 -0.32 18.68 5.06
N SER B 164 -0.77 17.71 5.83
CA SER B 164 0.10 16.64 6.27
C SER B 164 -0.63 15.33 6.11
N VAL B 165 0.14 14.29 5.81
CA VAL B 165 -0.34 12.91 5.79
C VAL B 165 0.41 12.16 6.88
N ILE B 166 -0.32 11.36 7.65
CA ILE B 166 0.30 10.56 8.72
C ILE B 166 -0.38 9.20 8.74
N ALA B 167 0.38 8.17 9.09
CA ALA B 167 -0.21 6.86 9.34
C ALA B 167 -1.25 6.98 10.47
N ASP B 168 -2.34 6.29 10.31
CA ASP B 168 -3.37 6.37 11.33
C ASP B 168 -2.99 5.47 12.50
N PRO B 169 -2.67 6.03 13.66
CA PRO B 169 -2.26 5.20 14.82
C PRO B 169 -3.38 4.35 15.38
N ARG B 170 -4.62 4.55 14.97
CA ARG B 170 -5.66 3.63 15.42
C ARG B 170 -5.73 2.39 14.54
N GLY B 171 -4.82 2.26 13.58
CA GLY B 171 -4.88 1.12 12.71
C GLY B 171 -6.05 1.24 11.73
N ASN B 172 -6.46 0.06 11.23
CA ASN B 172 -7.45 -0.05 10.18
C ASN B 172 -8.81 -0.17 10.84
N THR B 173 -9.45 0.97 11.06
CA THR B 173 -10.81 0.99 11.59
C THR B 173 -11.84 0.94 10.48
N LEU B 174 -11.49 1.44 9.29
CA LEU B 174 -12.47 1.64 8.24
C LEU B 174 -12.83 0.36 7.50
N GLY B 175 -11.96 -0.64 7.55
CA GLY B 175 -12.12 -1.77 6.67
C GLY B 175 -11.64 -1.45 5.28
N ARG B 176 -12.26 -0.44 4.67
CA ARG B 176 -11.90 0.12 3.38
C ARG B 176 -12.74 1.36 3.15
N GLY B 177 -12.13 2.43 2.67
CA GLY B 177 -12.98 3.56 2.35
C GLY B 177 -12.39 4.87 2.82
N THR B 178 -13.28 5.84 3.03
CA THR B 178 -12.87 7.21 3.31
C THR B 178 -13.85 7.84 4.26
N THR B 179 -13.34 8.52 5.29
CA THR B 179 -14.13 9.48 6.06
C THR B 179 -13.61 10.88 5.76
N ILE B 180 -14.53 11.76 5.39
CA ILE B 180 -14.28 13.19 5.33
C ILE B 180 -14.74 13.80 6.65
N THR B 181 -13.85 14.47 7.34
CA THR B 181 -14.16 15.09 8.61
C THR B 181 -14.00 16.59 8.45
N LEU B 182 -15.05 17.33 8.80
CA LEU B 182 -15.03 18.78 8.65
C LEU B 182 -15.14 19.40 10.03
N VAL B 183 -14.10 20.12 10.45
CA VAL B 183 -14.15 20.96 11.65
C VAL B 183 -14.91 22.22 11.25
N LEU B 184 -16.20 22.28 11.59
CA LEU B 184 -17.03 23.33 10.99
C LEU B 184 -16.67 24.72 11.53
N LYS B 185 -16.77 25.72 10.66
CA LYS B 185 -16.65 27.10 11.11
C LYS B 185 -17.80 27.42 12.07
N GLU B 186 -17.80 28.62 12.66
CA GLU B 186 -18.89 28.96 13.57
C GLU B 186 -20.10 29.48 12.81
N GLU B 187 -19.87 30.19 11.70
CA GLU B 187 -20.96 30.57 10.79
C GLU B 187 -21.62 29.35 10.13
N ALA B 188 -21.04 28.16 10.27
CA ALA B 188 -21.58 26.96 9.67
C ALA B 188 -22.20 26.04 10.70
N SER B 189 -22.43 26.53 11.91
CA SER B 189 -23.00 25.73 12.97
C SER B 189 -24.37 25.19 12.62
N ASP B 190 -25.03 25.82 11.63
CA ASP B 190 -26.37 25.37 11.25
C ASP B 190 -26.33 23.94 10.75
N TYR B 191 -25.26 23.57 10.07
CA TYR B 191 -25.11 22.24 9.50
C TYR B 191 -24.80 21.18 10.54
N LEU B 192 -24.94 21.47 11.83
CA LEU B 192 -24.79 20.45 12.86
C LEU B 192 -26.13 19.95 13.35
N GLU B 193 -27.22 20.61 12.95
CA GLU B 193 -28.54 20.18 13.36
C GLU B 193 -29.01 19.10 12.39
N LEU B 194 -29.38 17.95 12.95
CA LEU B 194 -29.84 16.87 12.10
C LEU B 194 -30.97 17.29 11.18
N ASP B 195 -31.93 18.09 11.70
CA ASP B 195 -33.03 18.55 10.87
C ASP B 195 -32.50 19.17 9.57
N THR B 196 -31.48 20.02 9.70
CA THR B 196 -30.86 20.64 8.53
C THR B 196 -30.13 19.61 7.67
N ILE B 197 -29.32 18.77 8.29
CA ILE B 197 -28.51 17.82 7.53
C ILE B 197 -29.39 16.89 6.68
N LYS B 198 -30.39 16.24 7.30
CA LYS B 198 -31.18 15.26 6.55
C LYS B 198 -31.97 15.92 5.44
N ASN B 199 -32.30 17.20 5.57
CA ASN B 199 -33.00 17.89 4.51
C ASN B 199 -32.08 18.09 3.32
N LEU B 200 -30.84 18.51 3.59
CA LEU B 200 -29.80 18.72 2.59
C LEU B 200 -29.30 17.43 1.96
N VAL B 201 -29.37 16.32 2.69
CA VAL B 201 -28.91 15.06 2.11
C VAL B 201 -29.93 14.52 1.13
N LYS B 202 -31.22 14.50 1.52
CA LYS B 202 -32.26 14.06 0.59
C LYS B 202 -32.22 14.87 -0.71
N LYS B 203 -32.03 16.18 -0.61
CA LYS B 203 -31.96 17.05 -1.79
C LYS B 203 -30.94 16.56 -2.81
N TYR B 204 -29.78 16.09 -2.34
CA TYR B 204 -28.65 15.80 -3.20
C TYR B 204 -28.40 14.31 -3.38
N SER B 205 -29.21 13.44 -2.78
CA SER B 205 -28.93 12.02 -2.74
C SER B 205 -29.87 11.16 -3.56
N GLN B 206 -30.84 11.76 -4.24
CA GLN B 206 -31.89 10.93 -4.82
C GLN B 206 -31.38 10.07 -5.97
N PHE B 207 -30.26 10.44 -6.58
CA PHE B 207 -29.80 9.80 -7.81
C PHE B 207 -28.36 9.34 -7.67
N ILE B 208 -28.01 9.05 -6.46
CA ILE B 208 -26.88 8.23 -6.10
C ILE B 208 -27.39 6.81 -5.99
N ASN B 209 -26.66 5.86 -6.56
CA ASN B 209 -27.10 4.48 -6.60
C ASN B 209 -26.64 3.69 -5.39
N PHE B 210 -26.36 4.37 -4.28
CA PHE B 210 -25.97 3.66 -3.07
C PHE B 210 -26.81 4.14 -1.91
N PRO B 211 -27.01 3.29 -0.89
CA PRO B 211 -27.74 3.73 0.31
C PRO B 211 -26.96 4.79 1.10
N ILE B 212 -27.64 5.87 1.46
CA ILE B 212 -27.05 6.94 2.25
C ILE B 212 -27.84 7.07 3.54
N TYR B 213 -27.15 6.92 4.68
CA TYR B 213 -27.73 6.96 6.00
C TYR B 213 -27.28 8.21 6.76
N VAL B 214 -28.13 8.65 7.70
CA VAL B 214 -27.77 9.65 8.69
C VAL B 214 -27.95 9.05 10.08
N TRP B 215 -26.98 9.29 10.95
CA TRP B 215 -27.08 8.88 12.36
C TRP B 215 -28.15 9.74 13.01
N SER B 216 -29.29 9.12 13.30
CA SER B 216 -30.51 9.86 13.60
C SER B 216 -30.99 9.63 15.03
N SER B 217 -31.89 10.51 15.46
CA SER B 217 -32.57 10.39 16.73
C SER B 217 -34.07 10.28 16.47
N LYS B 218 -34.69 9.27 17.06
CA LYS B 218 -36.14 9.11 16.98
C LYS B 218 -36.68 8.81 18.36
N THR B 219 -37.93 9.16 18.57
CA THR B 219 -38.56 8.93 19.87
C THR B 219 -39.51 7.73 19.80
N LYS B 224 -38.76 7.33 24.74
CA LYS B 224 -37.29 7.41 24.79
C LYS B 224 -36.67 7.78 23.43
N THR B 225 -35.46 8.33 23.45
CA THR B 225 -34.74 8.72 22.25
C THR B 225 -33.52 7.82 22.08
N VAL B 226 -33.48 7.08 20.98
CA VAL B 226 -32.29 6.30 20.65
C VAL B 226 -31.81 6.66 19.25
N TRP B 227 -30.61 6.19 18.92
CA TRP B 227 -29.90 6.60 17.72
C TRP B 227 -29.61 5.39 16.85
N ASP B 228 -29.88 5.51 15.55
CA ASP B 228 -29.53 4.48 14.58
C ASP B 228 -29.41 5.13 13.21
N TRP B 229 -28.91 4.35 12.24
CA TRP B 229 -28.84 4.83 10.86
C TRP B 229 -30.25 5.01 10.32
N GLU B 230 -30.56 6.21 9.87
CA GLU B 230 -31.80 6.46 9.13
C GLU B 230 -31.47 6.54 7.63
N LEU B 231 -32.11 5.70 6.84
CA LEU B 231 -31.82 5.68 5.41
C LEU B 231 -32.50 6.84 4.70
N MET B 232 -31.75 7.51 3.80
CA MET B 232 -32.14 8.79 3.21
C MET B 232 -32.44 8.75 1.73
N ASN B 233 -32.27 7.61 1.06
CA ASN B 233 -32.58 7.59 -0.35
C ASN B 233 -33.03 6.21 -0.81
O19 P33 C . 4.96 -28.30 4.63
C18 P33 C . 5.03 -28.09 6.02
C17 P33 C . 3.58 -27.66 6.36
O16 P33 C . 3.15 -27.03 5.20
O16 P33 D . 9.35 -22.96 12.06
C15 P33 D . 8.77 -21.82 12.72
C14 P33 D . 9.87 -21.26 13.67
O13 P33 D . 9.39 -20.13 14.39
C12 P33 D . 10.37 -19.66 15.35
C11 P33 D . 11.04 -18.37 14.80
O10 P33 D . 12.36 -18.70 14.40
C9 P33 D . 12.88 -17.90 13.31
C8 P33 D . 13.85 -18.75 12.43
O7 P33 D . 13.35 -18.77 11.11
C6 P33 D . 14.35 -18.93 10.11
C5 P33 D . 13.72 -19.82 9.01
O4 P33 D . 14.54 -20.99 8.96
O19 P33 E . 17.67 -20.98 9.57
C18 P33 E . 18.51 -19.91 9.15
C17 P33 E . 17.78 -18.62 9.61
O16 P33 E . 18.45 -17.49 9.04
C15 P33 E . 19.79 -17.38 9.46
C14 P33 E . 20.10 -15.87 9.56
O13 P33 E . 20.77 -15.66 10.79
C12 P33 E . 19.93 -15.51 11.91
C11 P33 E . 20.90 -15.62 13.13
O10 P33 E . 20.77 -14.43 13.95
O19 P33 F . 18.80 -31.26 -15.95
C18 P33 F . 17.75 -30.46 -16.50
C17 P33 F . 16.86 -31.44 -17.31
O16 P33 F . 17.22 -31.29 -18.70
C15 P33 F . 16.80 -32.39 -19.50
C14 P33 F . 15.99 -31.80 -20.69
O13 P33 F . 16.88 -31.73 -21.79
C12 P33 F . 16.33 -31.03 -22.88
C11 P33 F . 17.06 -29.66 -22.96
O10 P33 F . 16.36 -28.85 -23.89
O19 P33 G . 26.86 -32.08 2.42
C18 P33 G . 27.80 -32.05 1.35
C17 P33 G . 29.13 -31.62 2.00
O16 P33 G . 29.93 -31.02 0.96
O19 P33 H . 33.27 -26.52 1.68
C18 P33 H . 33.88 -25.70 0.71
C17 P33 H . 33.62 -24.24 1.16
O16 P33 H . 33.79 -23.43 -0.01
O22 P33 I . 22.81 2.11 -0.58
C21 P33 I . 23.03 1.51 -1.85
C20 P33 I . 24.47 1.93 -2.23
O19 P33 I . 25.11 0.78 -2.72
C18 P33 I . 26.36 0.54 -2.08
C17 P33 I . 27.48 1.01 -3.04
O16 P33 I . 28.36 1.80 -2.27
C15 P33 I . 29.43 2.37 -3.00
C14 P33 I . 29.78 3.71 -2.29
O13 P33 I . 28.90 4.68 -2.75
C12 P33 I . 28.61 5.65 -1.76
C11 P33 I . 28.22 6.96 -2.48
O10 P33 I . 26.85 6.78 -2.83
C9 P33 I . 26.22 7.95 -3.29
C8 P33 I . 27.12 8.59 -4.38
O7 P33 I . 26.37 8.65 -5.60
C6 P33 I . 27.10 8.21 -6.75
C5 P33 I . 26.04 7.65 -7.74
O4 P33 I . 26.67 6.58 -8.49
C3 P33 I . 26.04 6.32 -9.74
C2 P33 I . 25.27 4.99 -9.59
O1 P33 I . 23.97 5.23 -10.15
O19 P33 J . 36.77 3.54 -12.81
C18 P33 J . 36.14 4.20 -11.72
C17 P33 J . 35.24 5.31 -12.32
O16 P33 J . 34.26 4.62 -13.13
O01 VC5 K . 16.73 -19.33 -3.44
O01 VC5 K . 16.60 -19.37 -3.16
C02 VC5 K . 17.09 -18.07 -3.71
C02 VC5 K . 17.04 -18.18 -3.56
C03 VC5 K . 16.24 -17.02 -3.33
C03 VC5 K . 16.36 -17.02 -3.17
C04 VC5 K . 16.64 -15.72 -3.61
C04 VC5 K . 16.83 -15.79 -3.60
O05 VC5 K . 15.84 -14.70 -3.25
O05 VC5 K . 16.20 -14.66 -3.24
C06 VC5 K . 17.85 -15.51 -4.27
C06 VC5 K . 17.97 -15.75 -4.41
CL7 VC5 K . 18.24 -13.87 -4.57
CL7 VC5 K . 18.51 -14.22 -4.92
C08 VC5 K . 18.71 -16.51 -4.65
C08 VC5 K . 18.65 -16.87 -4.81
C09 VC5 K . 19.99 -16.14 -5.37
C09 VC5 K . 19.84 -16.72 -5.70
C10 VC5 K . 20.02 -16.46 -6.89
C10 VC5 K . 19.45 -16.69 -7.23
C11 VC5 K . 20.74 -15.57 -7.88
C11 VC5 K . 20.54 -16.38 -8.25
C12 VC5 K . 21.25 -16.07 -9.13
C12 VC5 K . 21.16 -15.12 -8.36
C13 VC5 K . 21.17 -17.57 -9.55
C13 VC5 K . 20.78 -13.93 -7.47
C14 VC5 K . 19.82 -18.28 -9.94
C14 VC5 K . 21.23 -12.62 -8.01
C15 VC5 K . 18.66 -18.36 -9.13
C15 VC5 K . 22.37 -11.97 -7.59
C16 VC5 K . 17.50 -19.04 -9.53
C16 VC5 K . 22.77 -10.77 -8.14
C17 VC5 K . 17.46 -19.68 -10.76
C17 VC5 K . 22.02 -10.17 -9.13
C18 VC5 K . 18.58 -19.63 -11.58
C18 VC5 K . 20.87 -10.81 -9.55
C19 VC5 K . 19.72 -18.96 -11.17
C19 VC5 K . 20.49 -12.01 -9.00
C20 VC5 K . 21.91 -15.16 -9.98
C20 VC5 K . 22.15 -14.95 -9.34
C21 VC5 K . 22.05 -13.80 -9.68
C21 VC5 K . 22.54 -15.96 -10.21
C22 VC5 K . 21.54 -13.31 -8.48
C22 VC5 K . 21.94 -17.20 -10.11
C23 VC5 K . 20.89 -14.20 -7.61
C23 VC5 K . 20.96 -17.40 -9.14
C24 VC5 K . 18.32 -17.82 -4.37
C24 VC5 K . 18.19 -18.10 -4.39
C25 VC5 K . 19.09 -19.09 -4.71
C25 VC5 K . 18.82 -19.45 -4.74
O26 VC5 K . 19.25 -19.35 -6.10
O26 VC5 K . 18.89 -19.73 -6.14
C27 VC5 K . 20.07 -20.46 -6.46
C27 VC5 K . 20.14 -20.24 -6.61
O28 VC5 K . 19.52 -19.83 -3.91
O28 VC5 K . 19.20 -20.23 -3.96
C1 GOL L . 29.92 -5.84 7.93
O1 GOL L . 29.77 -4.76 7.05
C2 GOL L . 30.26 -7.06 7.02
O2 GOL L . 30.71 -8.18 7.75
C3 GOL L . 28.99 -7.33 6.18
O3 GOL L . 28.39 -6.10 5.98
O19 P33 M . -4.90 -4.43 5.47
C18 P33 M . -4.11 -4.38 4.29
C17 P33 M . -2.69 -3.93 4.72
O16 P33 M . -1.88 -3.99 3.53
O19 P33 N . -18.04 13.52 -8.87
C18 P33 N . -18.96 13.23 -9.93
C17 P33 N . -19.08 14.54 -10.76
O16 P33 N . -19.62 15.52 -9.87
O19 P33 O . -27.84 0.13 8.43
C18 P33 O . -27.03 -0.45 9.44
C17 P33 O . -25.66 -0.62 8.73
O16 P33 O . -25.98 -0.85 7.37
C1 PEG P . -19.47 3.62 13.47
O1 PEG P . -18.26 3.27 14.14
C2 PEG P . -20.59 3.69 14.53
O2 PEG P . -20.85 5.07 14.73
C3 PEG P . -22.13 5.36 15.27
C4 PEG P . -21.94 5.81 16.74
O4 PEG P . -21.33 7.09 16.75
O19 P33 Q . -17.75 7.32 -11.32
C18 P33 Q . -16.35 7.10 -11.24
C17 P33 Q . -16.07 5.98 -12.28
O16 P33 Q . -14.88 5.33 -11.84
O19 P33 R . -30.61 0.53 -2.55
C18 P33 R . -30.39 1.12 -3.83
C17 P33 R . -30.00 2.59 -3.55
O16 P33 R . -30.98 3.11 -2.67
O19 P33 S . -7.87 -7.30 -0.30
C18 P33 S . -8.36 -6.85 0.98
C17 P33 S . -7.26 -5.92 1.57
O16 P33 S . -7.41 -5.91 3.01
O19 P33 T . -16.34 6.36 11.40
C18 P33 T . -17.17 7.42 11.86
C17 P33 T . -16.24 8.34 12.68
O16 P33 T . -17.04 8.91 13.70
C15 P33 T . -16.50 8.76 15.01
O01 VC5 U . -14.41 8.38 -0.83
O01 VC5 U . -14.63 8.39 -0.94
C02 VC5 U . -14.08 9.63 -1.14
C02 VC5 U . -14.18 9.63 -1.18
C03 VC5 U . -14.84 10.69 -0.62
C03 VC5 U . -14.90 10.73 -0.69
C04 VC5 U . -14.49 12.00 -0.95
C04 VC5 U . -14.43 12.01 -0.93
O05 VC5 U . -15.23 13.05 -0.46
O05 VC5 U . -15.12 13.08 -0.45
C06 VC5 U . -13.38 12.22 -1.80
C06 VC5 U . -13.24 12.17 -1.67
CL7 VC5 U . -12.97 13.84 -2.16
CL7 VC5 U . -12.70 13.79 -1.92
C08 VC5 U . -12.60 11.19 -2.31
C08 VC5 U . -12.50 11.09 -2.17
C09 VC5 U . -11.43 11.53 -3.23
C09 VC5 U . -11.23 11.34 -2.97
C10 VC5 U . -11.88 11.89 -4.70
C10 VC5 U . -11.40 12.10 -4.32
C11 VC5 U . -10.86 12.45 -5.70
C11 VC5 U . -10.73 11.56 -5.58
C12 VC5 U . -10.14 11.62 -6.61
C12 VC5 U . -9.74 12.28 -6.34
C13 VC5 U . -10.33 10.11 -6.65
C13 VC5 U . -9.16 13.67 -5.96
C14 VC5 U . -11.53 9.57 -7.45
C14 VC5 U . -10.02 14.93 -5.92
C15 VC5 U . -12.40 8.56 -6.99
C15 VC5 U . -11.41 14.98 -5.77
C16 VC5 U . -13.47 8.12 -7.77
C16 VC5 U . -12.11 16.17 -5.74
C17 VC5 U . -13.72 8.66 -9.03
C17 VC5 U . -11.43 17.36 -5.82
C18 VC5 U . -12.88 9.65 -9.51
C18 VC5 U . -10.06 17.35 -5.97
C19 VC5 U . -11.82 10.09 -8.73
C19 VC5 U . -9.38 16.16 -6.01
C20 VC5 U . -9.23 12.24 -7.51
C20 VC5 U . -9.19 11.66 -7.48
C21 VC5 U . -9.01 13.63 -7.53
C21 VC5 U . -9.60 10.41 -7.92
C22 VC5 U . -9.72 14.44 -6.64
C22 VC5 U . -10.58 9.72 -7.20
C23 VC5 U . -10.64 13.85 -5.75
C23 VC5 U . -11.13 10.29 -6.05
C24 VC5 U . -12.98 9.87 -1.99
C24 VC5 U . -13.00 9.80 -1.92
C25 VC5 U . -12.27 8.60 -2.41
C25 VC5 U . -12.36 8.50 -2.35
O26 VC5 U . -11.97 8.46 -3.78
O26 VC5 U . -12.05 8.37 -3.72
C27 VC5 U . -10.83 7.65 -4.03
C27 VC5 U . -10.89 7.58 -3.97
O28 VC5 U . -11.94 7.75 -1.67
O28 VC5 U . -12.10 7.62 -1.60
#